data_1YBK
#
_entry.id   1YBK
#
_cell.length_a   110.811
_cell.length_b   110.811
_cell.length_c   71.121
_cell.angle_alpha   90.00
_cell.angle_beta   90.00
_cell.angle_gamma   120.00
#
_symmetry.space_group_name_H-M   'P 31 2 1'
#
loop_
_entity.id
_entity.type
_entity.pdbx_description
1 polymer tetrabrachion
2 non-polymer 'SULFATE ION'
3 non-polymer 'N-(CARBOXYMETHYL)-N,N-DIMETHYL-3-[(1-OXODODECYL)AMINO]-1-PROPANAMINIUM INNER SALT'
4 water water
#
_entity_poly.entity_id   1
_entity_poly.type   'polypeptide(L)'
_entity_poly.pdbx_seq_one_letter_code
;GSIINETADDIVYRLTVIIDDRYESLKNLITLRADRLEMIINDNVSTILASI
;
_entity_poly.pdbx_strand_id   A,B,C,D
#
loop_
_chem_comp.id
_chem_comp.type
_chem_comp.name
_chem_comp.formula
BEQ non-polymer 'N-(CARBOXYMETHYL)-N,N-DIMETHYL-3-[(1-OXODODECYL)AMINO]-1-PROPANAMINIUM INNER SALT' 'C19 H38 N2 O3'
SO4 non-polymer 'SULFATE ION' 'O4 S -2'
#
# COMPACT_ATOMS: atom_id res chain seq x y z
N GLY A 1 27.49 -24.16 1.74
CA GLY A 1 27.45 -24.24 0.25
C GLY A 1 28.66 -23.58 -0.39
N SER A 2 28.67 -23.54 -1.71
CA SER A 2 29.76 -22.92 -2.45
C SER A 2 29.78 -21.41 -2.21
N ILE A 3 30.89 -20.77 -2.56
CA ILE A 3 31.02 -19.33 -2.38
C ILE A 3 29.91 -18.58 -3.10
N ILE A 4 29.68 -18.90 -4.37
CA ILE A 4 28.66 -18.19 -5.13
C ILE A 4 27.24 -18.48 -4.62
N ASN A 5 26.99 -19.70 -4.16
CA ASN A 5 25.67 -20.05 -3.64
C ASN A 5 25.41 -19.30 -2.34
N GLU A 6 26.42 -19.24 -1.48
CA GLU A 6 26.29 -18.55 -0.20
C GLU A 6 26.08 -17.05 -0.42
N THR A 7 26.76 -16.48 -1.40
CA THR A 7 26.63 -15.06 -1.69
C THR A 7 25.22 -14.76 -2.20
N ALA A 8 24.70 -15.63 -3.06
CA ALA A 8 23.36 -15.46 -3.61
C ALA A 8 22.36 -15.49 -2.46
N ASP A 9 22.53 -16.45 -1.56
CA ASP A 9 21.65 -16.58 -0.40
C ASP A 9 21.70 -15.31 0.45
N ASP A 10 22.90 -14.74 0.59
CA ASP A 10 23.08 -13.53 1.38
C ASP A 10 22.33 -12.35 0.78
N ILE A 11 22.46 -12.19 -0.55
CA ILE A 11 21.81 -11.11 -1.25
C ILE A 11 20.29 -11.24 -1.13
N VAL A 12 19.77 -12.45 -1.36
CA VAL A 12 18.34 -12.67 -1.27
C VAL A 12 17.84 -12.46 0.16
N TYR A 13 18.57 -12.97 1.14
CA TYR A 13 18.16 -12.82 2.53
C TYR A 13 18.11 -11.35 2.94
N ARG A 14 19.18 -10.62 2.68
CA ARG A 14 19.24 -9.21 3.06
C ARG A 14 18.14 -8.38 2.41
N LEU A 15 17.89 -8.58 1.13
CA LEU A 15 16.85 -7.82 0.45
C LEU A 15 15.45 -8.27 0.89
N THR A 16 15.32 -9.53 1.30
CA THR A 16 14.02 -10.01 1.76
C THR A 16 13.68 -9.30 3.08
N VAL A 17 14.69 -9.10 3.92
CA VAL A 17 14.47 -8.42 5.19
C VAL A 17 14.01 -6.98 4.93
N ILE A 18 14.65 -6.32 3.97
CA ILE A 18 14.30 -4.94 3.62
C ILE A 18 12.88 -4.89 3.06
N ILE A 19 12.59 -5.78 2.12
CA ILE A 19 11.26 -5.83 1.51
C ILE A 19 10.18 -6.12 2.56
N ASP A 20 10.45 -7.08 3.43
CA ASP A 20 9.51 -7.44 4.48
C ASP A 20 9.25 -6.27 5.43
N ASP A 21 10.31 -5.57 5.81
CA ASP A 21 10.15 -4.43 6.71
C ASP A 21 9.29 -3.33 6.11
N ARG A 22 9.54 -2.98 4.86
CA ARG A 22 8.76 -1.93 4.21
C ARG A 22 7.33 -2.41 4.03
N TYR A 23 7.16 -3.68 3.71
CA TYR A 23 5.84 -4.26 3.53
C TYR A 23 5.04 -4.14 4.83
N GLU A 24 5.66 -4.54 5.94
CA GLU A 24 4.99 -4.47 7.23
C GLU A 24 4.61 -3.04 7.58
N SER A 25 5.49 -2.08 7.28
CA SER A 25 5.19 -0.69 7.57
C SER A 25 3.98 -0.21 6.78
N LEU A 26 3.92 -0.55 5.50
CA LEU A 26 2.77 -0.13 4.68
C LEU A 26 1.50 -0.82 5.14
N LYS A 27 1.61 -2.11 5.46
CA LYS A 27 0.46 -2.87 5.95
C LYS A 27 -0.08 -2.22 7.22
N ASN A 28 0.81 -1.89 8.14
CA ASN A 28 0.39 -1.27 9.39
C ASN A 28 -0.24 0.09 9.18
N LEU A 29 0.28 0.87 8.24
CA LEU A 29 -0.25 2.19 7.94
C LEU A 29 -1.65 2.11 7.35
N ILE A 30 -1.82 1.22 6.37
CA ILE A 30 -3.12 1.04 5.74
C ILE A 30 -4.14 0.61 6.78
N THR A 31 -3.75 -0.33 7.64
CA THR A 31 -4.65 -0.84 8.67
C THR A 31 -5.01 0.27 9.66
N LEU A 32 -4.01 1.05 10.07
CA LEU A 32 -4.24 2.14 11.03
C LEU A 32 -5.20 3.18 10.46
N ARG A 33 -4.93 3.64 9.24
CA ARG A 33 -5.78 4.66 8.65
C ARG A 33 -7.20 4.16 8.36
N ALA A 34 -7.32 2.94 7.87
CA ALA A 34 -8.65 2.40 7.58
C ALA A 34 -9.41 2.19 8.89
N ASP A 35 -8.72 1.71 9.91
CA ASP A 35 -9.37 1.50 11.21
C ASP A 35 -9.86 2.83 11.76
N ARG A 36 -9.08 3.89 11.60
CA ARG A 36 -9.50 5.19 12.11
C ARG A 36 -10.69 5.74 11.36
N LEU A 37 -10.72 5.52 10.04
CA LEU A 37 -11.86 5.99 9.25
C LEU A 37 -13.13 5.29 9.73
N GLU A 38 -13.05 4.00 10.03
CA GLU A 38 -14.24 3.28 10.51
C GLU A 38 -14.67 3.81 11.87
N MET A 39 -13.70 4.13 12.72
CA MET A 39 -13.98 4.66 14.04
C MET A 39 -14.71 6.01 13.94
N ILE A 40 -14.22 6.87 13.06
CA ILE A 40 -14.81 8.18 12.86
C ILE A 40 -16.23 8.05 12.32
N ILE A 41 -16.39 7.23 11.29
CA ILE A 41 -17.71 7.02 10.70
C ILE A 41 -18.70 6.46 11.73
N ASN A 42 -18.26 5.49 12.53
CA ASN A 42 -19.12 4.90 13.54
C ASN A 42 -19.62 5.96 14.52
N ASP A 43 -18.72 6.78 15.00
CA ASP A 43 -19.08 7.81 15.96
C ASP A 43 -19.99 8.86 15.34
N ASN A 44 -19.68 9.28 14.12
CA ASN A 44 -20.47 10.30 13.44
C ASN A 44 -21.89 9.83 13.17
N VAL A 45 -22.04 8.58 12.77
CA VAL A 45 -23.37 8.03 12.50
C VAL A 45 -24.19 8.05 13.79
N SER A 46 -23.56 7.69 14.90
CA SER A 46 -24.25 7.69 16.19
C SER A 46 -24.72 9.09 16.53
N THR A 47 -23.87 10.07 16.32
CA THR A 47 -24.19 11.46 16.60
C THR A 47 -25.35 11.95 15.72
N ILE A 48 -25.31 11.61 14.45
CA ILE A 48 -26.37 12.01 13.52
C ILE A 48 -27.71 11.40 13.92
N LEU A 49 -27.71 10.10 14.22
CA LEU A 49 -28.94 9.43 14.61
C LEU A 49 -29.53 9.98 15.91
N ALA A 50 -28.66 10.44 16.80
CA ALA A 50 -29.10 10.99 18.08
C ALA A 50 -29.61 12.43 17.92
N SER A 51 -29.28 13.06 16.79
CA SER A 51 -29.69 14.42 16.53
C SER A 51 -30.93 14.48 15.64
N ILE A 52 -31.15 13.41 14.87
CA ILE A 52 -32.29 13.35 13.99
C ILE A 52 -31.99 12.57 12.73
N GLY B 1 36.81 -8.08 3.71
CA GLY B 1 36.82 -7.25 2.48
C GLY B 1 37.23 -8.04 1.25
N SER B 2 36.40 -7.99 0.22
CA SER B 2 36.68 -8.71 -1.02
C SER B 2 35.72 -8.27 -2.13
N ILE B 3 36.10 -8.55 -3.38
CA ILE B 3 35.28 -8.18 -4.53
C ILE B 3 33.91 -8.86 -4.46
N ILE B 4 33.89 -10.10 -3.99
CA ILE B 4 32.64 -10.85 -3.88
C ILE B 4 31.68 -10.17 -2.89
N ASN B 5 32.21 -9.78 -1.73
CA ASN B 5 31.38 -9.13 -0.72
C ASN B 5 31.00 -7.73 -1.15
N GLU B 6 31.91 -7.04 -1.84
CA GLU B 6 31.64 -5.69 -2.31
C GLU B 6 30.53 -5.72 -3.36
N THR B 7 30.53 -6.77 -4.18
CA THR B 7 29.52 -6.91 -5.22
C THR B 7 28.15 -7.13 -4.57
N ALA B 8 28.09 -8.02 -3.59
CA ALA B 8 26.85 -8.31 -2.89
C ALA B 8 26.34 -7.04 -2.21
N ASP B 9 27.25 -6.33 -1.56
CA ASP B 9 26.88 -5.08 -0.88
C ASP B 9 26.34 -4.06 -1.88
N ASP B 10 26.94 -4.02 -3.07
CA ASP B 10 26.54 -3.11 -4.13
C ASP B 10 25.11 -3.38 -4.57
N ILE B 11 24.82 -4.63 -4.88
CA ILE B 11 23.49 -5.03 -5.32
C ILE B 11 22.45 -4.72 -4.25
N VAL B 12 22.75 -5.10 -3.01
CA VAL B 12 21.83 -4.87 -1.91
C VAL B 12 21.60 -3.38 -1.68
N TYR B 13 22.67 -2.60 -1.71
CA TYR B 13 22.56 -1.15 -1.50
C TYR B 13 21.72 -0.47 -2.56
N ARG B 14 22.05 -0.71 -3.83
CA ARG B 14 21.32 -0.09 -4.92
C ARG B 14 19.83 -0.43 -4.92
N LEU B 15 19.50 -1.69 -4.68
CA LEU B 15 18.09 -2.08 -4.67
C LEU B 15 17.39 -1.56 -3.41
N THR B 16 18.13 -1.39 -2.32
CA THR B 16 17.52 -0.88 -1.09
C THR B 16 17.09 0.57 -1.35
N VAL B 17 17.92 1.31 -2.09
CA VAL B 17 17.59 2.70 -2.40
C VAL B 17 16.29 2.76 -3.20
N ILE B 18 16.17 1.89 -4.20
CA ILE B 18 14.97 1.83 -5.03
C ILE B 18 13.75 1.48 -4.19
N ILE B 19 13.88 0.41 -3.40
CA ILE B 19 12.80 -0.04 -2.54
C ILE B 19 12.36 1.06 -1.58
N ASP B 20 13.33 1.74 -0.96
CA ASP B 20 13.03 2.81 -0.03
C ASP B 20 12.29 3.96 -0.71
N ASP B 21 12.72 4.34 -1.90
CA ASP B 21 12.08 5.43 -2.62
C ASP B 21 10.63 5.13 -2.95
N ARG B 22 10.36 3.91 -3.43
CA ARG B 22 8.99 3.52 -3.77
C ARG B 22 8.16 3.43 -2.51
N TYR B 23 8.76 2.95 -1.43
CA TYR B 23 8.08 2.83 -0.15
C TYR B 23 7.63 4.21 0.35
N GLU B 24 8.56 5.16 0.35
CA GLU B 24 8.24 6.51 0.81
C GLU B 24 7.12 7.12 -0.03
N SER B 25 7.17 6.90 -1.34
CA SER B 25 6.15 7.43 -2.23
C SER B 25 4.77 6.85 -1.90
N LEU B 26 4.70 5.54 -1.66
CA LEU B 26 3.43 4.92 -1.32
C LEU B 26 2.94 5.38 0.04
N LYS B 27 3.86 5.50 0.98
CA LYS B 27 3.53 5.95 2.34
C LYS B 27 2.90 7.34 2.25
N ASN B 28 3.54 8.23 1.51
CA ASN B 28 3.02 9.59 1.38
C ASN B 28 1.66 9.63 0.69
N LEU B 29 1.46 8.78 -0.30
CA LEU B 29 0.18 8.74 -1.02
C LEU B 29 -0.94 8.26 -0.11
N ILE B 30 -0.69 7.17 0.62
CA ILE B 30 -1.68 6.63 1.54
C ILE B 30 -2.04 7.67 2.60
N THR B 31 -1.03 8.35 3.13
CA THR B 31 -1.26 9.38 4.14
C THR B 31 -2.10 10.52 3.56
N LEU B 32 -1.74 10.96 2.35
CA LEU B 32 -2.45 12.04 1.69
C LEU B 32 -3.92 11.70 1.44
N ARG B 33 -4.17 10.52 0.89
CA ARG B 33 -5.55 10.13 0.61
C ARG B 33 -6.37 9.89 1.88
N ALA B 34 -5.74 9.32 2.91
CA ALA B 34 -6.46 9.09 4.16
C ALA B 34 -6.81 10.44 4.80
N ASP B 35 -5.87 11.39 4.76
CA ASP B 35 -6.11 12.72 5.31
C ASP B 35 -7.29 13.38 4.57
N ARG B 36 -7.32 13.25 3.26
CA ARG B 36 -8.41 13.83 2.46
C ARG B 36 -9.75 13.23 2.86
N LEU B 37 -9.78 11.90 3.02
CA LEU B 37 -11.03 11.24 3.39
C LEU B 37 -11.52 11.72 4.74
N GLU B 38 -10.61 11.88 5.70
CA GLU B 38 -11.04 12.37 7.02
C GLU B 38 -11.63 13.76 6.88
N MET B 39 -10.98 14.62 6.10
CA MET B 39 -11.44 15.99 5.90
C MET B 39 -12.83 16.03 5.26
N ILE B 40 -13.02 15.23 4.22
CA ILE B 40 -14.30 15.18 3.53
C ILE B 40 -15.41 14.65 4.43
N ILE B 41 -15.11 13.61 5.20
CA ILE B 41 -16.10 13.06 6.12
C ILE B 41 -16.43 14.09 7.20
N ASN B 42 -15.40 14.72 7.77
CA ASN B 42 -15.62 15.73 8.81
C ASN B 42 -16.47 16.88 8.28
N ASP B 43 -16.10 17.40 7.11
CA ASP B 43 -16.81 18.50 6.47
C ASP B 43 -18.28 18.14 6.28
N ASN B 44 -18.52 16.99 5.67
CA ASN B 44 -19.88 16.57 5.40
C ASN B 44 -20.72 16.31 6.64
N VAL B 45 -20.11 15.70 7.67
CA VAL B 45 -20.85 15.44 8.89
C VAL B 45 -21.22 16.76 9.59
N SER B 46 -20.28 17.70 9.60
CA SER B 46 -20.54 18.99 10.22
C SER B 46 -21.69 19.68 9.46
N THR B 47 -21.70 19.51 8.15
CA THR B 47 -22.75 20.11 7.31
C THR B 47 -24.11 19.52 7.67
N ILE B 48 -24.16 18.19 7.78
CA ILE B 48 -25.40 17.49 8.11
C ILE B 48 -25.92 17.92 9.49
N LEU B 49 -25.04 17.91 10.49
CA LEU B 49 -25.45 18.29 11.84
C LEU B 49 -25.93 19.74 11.95
N ALA B 50 -25.38 20.63 11.12
CA ALA B 50 -25.78 22.02 11.15
C ALA B 50 -27.09 22.24 10.38
N SER B 51 -27.47 21.24 9.58
CA SER B 51 -28.69 21.34 8.77
C SER B 51 -29.89 20.65 9.39
N ILE B 52 -29.65 19.88 10.45
CA ILE B 52 -30.74 19.19 11.11
C ILE B 52 -30.34 17.80 11.58
N ILE C 4 31.92 -9.06 -13.84
CA ILE C 4 31.12 -9.26 -12.60
C ILE C 4 30.24 -8.03 -12.37
N ASN C 5 30.76 -6.87 -12.78
CA ASN C 5 30.04 -5.61 -12.63
C ASN C 5 28.79 -5.60 -13.50
N GLU C 6 28.90 -6.19 -14.69
CA GLU C 6 27.77 -6.24 -15.61
C GLU C 6 26.67 -7.14 -15.07
N THR C 7 27.05 -8.18 -14.35
CA THR C 7 26.08 -9.11 -13.77
C THR C 7 25.29 -8.39 -12.67
N ALA C 8 25.99 -7.61 -11.86
CA ALA C 8 25.36 -6.86 -10.79
C ALA C 8 24.37 -5.86 -11.39
N ASP C 9 24.78 -5.19 -12.46
CA ASP C 9 23.93 -4.22 -13.12
C ASP C 9 22.67 -4.87 -13.67
N ASP C 10 22.82 -6.05 -14.25
CA ASP C 10 21.69 -6.80 -14.82
C ASP C 10 20.69 -7.17 -13.73
N ILE C 11 21.18 -7.63 -12.59
CA ILE C 11 20.32 -8.01 -11.49
C ILE C 11 19.54 -6.81 -10.98
N VAL C 12 20.25 -5.70 -10.77
CA VAL C 12 19.61 -4.48 -10.27
C VAL C 12 18.57 -3.94 -11.25
N TYR C 13 18.91 -3.94 -12.54
CA TYR C 13 17.99 -3.45 -13.56
C TYR C 13 16.71 -4.28 -13.62
N ARG C 14 16.88 -5.59 -13.75
CA ARG C 14 15.74 -6.50 -13.84
C ARG C 14 14.78 -6.41 -12.65
N LEU C 15 15.34 -6.33 -11.45
CA LEU C 15 14.47 -6.24 -10.28
C LEU C 15 13.86 -4.86 -10.14
N THR C 16 14.55 -3.83 -10.64
CA THR C 16 14.01 -2.47 -10.57
C THR C 16 12.77 -2.38 -11.47
N VAL C 17 12.82 -3.02 -12.63
CA VAL C 17 11.70 -3.03 -13.55
C VAL C 17 10.46 -3.66 -12.90
N ILE C 18 10.66 -4.75 -12.19
CA ILE C 18 9.57 -5.45 -11.52
C ILE C 18 9.04 -4.64 -10.34
N ILE C 19 9.95 -4.07 -9.55
CA ILE C 19 9.56 -3.25 -8.41
C ILE C 19 8.73 -2.06 -8.91
N ASP C 20 9.18 -1.44 -9.99
CA ASP C 20 8.48 -0.29 -10.56
C ASP C 20 7.07 -0.68 -11.03
N ASP C 21 6.96 -1.85 -11.65
CA ASP C 21 5.68 -2.33 -12.16
C ASP C 21 4.68 -2.49 -11.02
N ARG C 22 5.10 -3.15 -9.95
CA ARG C 22 4.20 -3.35 -8.81
C ARG C 22 3.89 -2.04 -8.11
N TYR C 23 4.89 -1.16 -8.03
CA TYR C 23 4.70 0.16 -7.41
C TYR C 23 3.62 0.94 -8.15
N GLU C 24 3.72 1.00 -9.48
CA GLU C 24 2.75 1.72 -10.27
C GLU C 24 1.35 1.14 -10.10
N SER C 25 1.25 -0.19 -10.01
CA SER C 25 -0.05 -0.81 -9.84
C SER C 25 -0.66 -0.44 -8.48
N LEU C 26 0.16 -0.42 -7.43
CA LEU C 26 -0.36 -0.04 -6.12
C LEU C 26 -0.77 1.43 -6.09
N LYS C 27 0.05 2.27 -6.72
CA LYS C 27 -0.26 3.71 -6.77
C LYS C 27 -1.61 3.91 -7.47
N ASN C 28 -1.82 3.24 -8.60
CA ASN C 28 -3.07 3.37 -9.34
C ASN C 28 -4.25 2.85 -8.51
N LEU C 29 -4.05 1.72 -7.83
CA LEU C 29 -5.12 1.14 -7.00
C LEU C 29 -5.54 2.09 -5.89
N ILE C 30 -4.55 2.61 -5.16
CA ILE C 30 -4.83 3.53 -4.06
C ILE C 30 -5.57 4.77 -4.56
N THR C 31 -5.11 5.34 -5.67
CA THR C 31 -5.74 6.52 -6.24
C THR C 31 -7.17 6.26 -6.68
N LEU C 32 -7.38 5.17 -7.42
CA LEU C 32 -8.72 4.83 -7.90
C LEU C 32 -9.69 4.54 -6.76
N ARG C 33 -9.25 3.78 -5.77
CA ARG C 33 -10.11 3.44 -4.64
C ARG C 33 -10.42 4.65 -3.78
N ALA C 34 -9.44 5.53 -3.59
CA ALA C 34 -9.68 6.73 -2.79
C ALA C 34 -10.66 7.64 -3.53
N ASP C 35 -10.48 7.79 -4.84
CA ASP C 35 -11.38 8.62 -5.63
C ASP C 35 -12.81 8.08 -5.53
N ARG C 36 -12.93 6.76 -5.63
CA ARG C 36 -14.24 6.11 -5.56
C ARG C 36 -14.90 6.33 -4.20
N LEU C 37 -14.13 6.20 -3.13
CA LEU C 37 -14.67 6.41 -1.80
C LEU C 37 -15.15 7.85 -1.60
N GLU C 38 -14.39 8.81 -2.10
CA GLU C 38 -14.80 10.21 -1.96
C GLU C 38 -16.13 10.43 -2.68
N MET C 39 -16.27 9.85 -3.87
CA MET C 39 -17.50 10.00 -4.64
C MET C 39 -18.69 9.37 -3.90
N ILE C 40 -18.49 8.17 -3.37
CA ILE C 40 -19.55 7.48 -2.64
C ILE C 40 -19.97 8.25 -1.40
N ILE C 41 -19.00 8.80 -0.67
CA ILE C 41 -19.32 9.55 0.53
C ILE C 41 -20.12 10.79 0.17
N ASN C 42 -19.64 11.55 -0.82
CA ASN C 42 -20.35 12.76 -1.21
C ASN C 42 -21.74 12.49 -1.79
N ASP C 43 -21.87 11.46 -2.61
CA ASP C 43 -23.18 11.13 -3.19
C ASP C 43 -24.18 10.78 -2.08
N ASN C 44 -23.74 10.00 -1.11
CA ASN C 44 -24.61 9.61 0.00
C ASN C 44 -24.99 10.81 0.86
N VAL C 45 -24.03 11.70 1.09
CA VAL C 45 -24.29 12.89 1.89
C VAL C 45 -25.29 13.80 1.18
N SER C 46 -25.17 13.90 -0.14
CA SER C 46 -26.09 14.73 -0.91
C SER C 46 -27.52 14.23 -0.72
N THR C 47 -27.67 12.91 -0.73
CA THR C 47 -28.99 12.30 -0.56
C THR C 47 -29.54 12.65 0.83
N ILE C 48 -28.68 12.58 1.84
CA ILE C 48 -29.10 12.89 3.21
C ILE C 48 -29.54 14.35 3.32
N LEU C 49 -28.75 15.26 2.77
CA LEU C 49 -29.08 16.69 2.83
C LEU C 49 -30.36 17.02 2.10
N ALA C 50 -30.60 16.33 0.98
CA ALA C 50 -31.80 16.57 0.18
C ALA C 50 -33.03 15.91 0.83
N SER C 51 -32.80 15.10 1.85
CA SER C 51 -33.87 14.39 2.53
C SER C 51 -34.30 15.06 3.83
N ILE C 52 -33.54 16.04 4.29
CA ILE C 52 -33.88 16.73 5.52
C ILE C 52 -32.68 17.23 6.29
N GLY D 1 32.57 -21.62 -16.01
CA GLY D 1 31.26 -22.12 -16.49
C GLY D 1 30.19 -21.04 -16.52
N SER D 2 28.95 -21.46 -16.72
CA SER D 2 27.81 -20.55 -16.80
C SER D 2 27.15 -20.28 -15.45
N ILE D 3 27.80 -20.70 -14.36
CA ILE D 3 27.24 -20.53 -13.03
C ILE D 3 26.93 -19.11 -12.58
N ILE D 4 27.69 -18.13 -13.06
CA ILE D 4 27.42 -16.74 -12.66
C ILE D 4 26.10 -16.27 -13.27
N ASN D 5 25.88 -16.60 -14.54
CA ASN D 5 24.64 -16.23 -15.23
C ASN D 5 23.45 -16.92 -14.58
N GLU D 6 23.61 -18.22 -14.32
CA GLU D 6 22.55 -19.00 -13.70
C GLU D 6 22.22 -18.51 -12.30
N THR D 7 23.24 -18.11 -11.55
CA THR D 7 23.03 -17.62 -10.20
C THR D 7 22.32 -16.28 -10.22
N ALA D 8 22.68 -15.42 -11.18
CA ALA D 8 22.04 -14.12 -11.32
C ALA D 8 20.55 -14.33 -11.61
N ASP D 9 20.26 -15.27 -12.51
CA ASP D 9 18.87 -15.55 -12.85
C ASP D 9 18.12 -16.11 -11.65
N ASP D 10 18.80 -16.88 -10.81
CA ASP D 10 18.17 -17.45 -9.63
C ASP D 10 17.85 -16.36 -8.61
N ILE D 11 18.76 -15.39 -8.46
CA ILE D 11 18.54 -14.31 -7.52
C ILE D 11 17.32 -13.50 -7.97
N VAL D 12 17.25 -13.19 -9.25
CA VAL D 12 16.13 -12.44 -9.78
C VAL D 12 14.83 -13.22 -9.61
N TYR D 13 14.88 -14.52 -9.85
CA TYR D 13 13.69 -15.37 -9.72
C TYR D 13 13.17 -15.40 -8.29
N ARG D 14 14.07 -15.67 -7.35
CA ARG D 14 13.70 -15.75 -5.93
C ARG D 14 13.14 -14.44 -5.40
N LEU D 15 13.77 -13.32 -5.74
CA LEU D 15 13.28 -12.04 -5.24
C LEU D 15 12.00 -11.60 -5.94
N THR D 16 11.78 -12.05 -7.18
CA THR D 16 10.55 -11.71 -7.88
C THR D 16 9.40 -12.35 -7.12
N VAL D 17 9.58 -13.58 -6.65
CA VAL D 17 8.54 -14.27 -5.90
C VAL D 17 8.21 -13.46 -4.64
N ILE D 18 9.23 -13.02 -3.93
CA ILE D 18 9.03 -12.24 -2.70
C ILE D 18 8.31 -10.93 -3.00
N ILE D 19 8.82 -10.18 -3.98
CA ILE D 19 8.23 -8.91 -4.35
C ILE D 19 6.77 -9.08 -4.74
N ASP D 20 6.48 -10.08 -5.57
CA ASP D 20 5.11 -10.28 -6.01
C ASP D 20 4.19 -10.71 -4.89
N ASP D 21 4.69 -11.54 -3.97
CA ASP D 21 3.89 -12.00 -2.85
C ASP D 21 3.48 -10.84 -1.95
N ARG D 22 4.41 -9.93 -1.67
CA ARG D 22 4.10 -8.78 -0.82
C ARG D 22 3.18 -7.82 -1.56
N TYR D 23 3.36 -7.69 -2.87
CA TYR D 23 2.51 -6.82 -3.67
C TYR D 23 1.08 -7.34 -3.61
N GLU D 24 0.90 -8.62 -3.85
CA GLU D 24 -0.44 -9.19 -3.82
C GLU D 24 -1.10 -9.00 -2.46
N SER D 25 -0.33 -9.17 -1.39
CA SER D 25 -0.87 -8.99 -0.04
C SER D 25 -1.35 -7.56 0.17
N LEU D 26 -0.55 -6.59 -0.26
CA LEU D 26 -0.96 -5.19 -0.10
C LEU D 26 -2.16 -4.86 -0.99
N LYS D 27 -2.15 -5.37 -2.22
CA LYS D 27 -3.25 -5.15 -3.14
C LYS D 27 -4.55 -5.67 -2.53
N ASN D 28 -4.50 -6.88 -1.99
CA ASN D 28 -5.69 -7.47 -1.39
C ASN D 28 -6.15 -6.72 -0.16
N LEU D 29 -5.20 -6.26 0.66
CA LEU D 29 -5.56 -5.52 1.87
C LEU D 29 -6.23 -4.19 1.53
N ILE D 30 -5.66 -3.45 0.60
CA ILE D 30 -6.23 -2.17 0.20
C ILE D 30 -7.62 -2.36 -0.37
N THR D 31 -7.79 -3.38 -1.19
CA THR D 31 -9.08 -3.66 -1.80
C THR D 31 -10.11 -4.03 -0.74
N LEU D 32 -9.70 -4.87 0.21
CA LEU D 32 -10.58 -5.31 1.29
C LEU D 32 -11.02 -4.14 2.17
N ARG D 33 -10.08 -3.28 2.55
CA ARG D 33 -10.44 -2.15 3.41
C ARG D 33 -11.33 -1.15 2.67
N ALA D 34 -11.10 -0.97 1.37
CA ALA D 34 -11.92 -0.06 0.58
C ALA D 34 -13.34 -0.63 0.49
N ASP D 35 -13.45 -1.93 0.21
CA ASP D 35 -14.77 -2.55 0.11
C ASP D 35 -15.51 -2.44 1.45
N ARG D 36 -14.79 -2.66 2.55
CA ARG D 36 -15.40 -2.58 3.87
C ARG D 36 -15.96 -1.18 4.13
N LEU D 37 -15.17 -0.15 3.82
CA LEU D 37 -15.62 1.22 4.04
C LEU D 37 -16.83 1.56 3.19
N GLU D 38 -16.85 1.11 1.94
CA GLU D 38 -17.98 1.40 1.06
C GLU D 38 -19.26 0.79 1.63
N MET D 39 -19.15 -0.45 2.12
CA MET D 39 -20.30 -1.13 2.69
C MET D 39 -20.80 -0.45 3.96
N ILE D 40 -19.87 -0.08 4.83
CA ILE D 40 -20.23 0.59 6.07
C ILE D 40 -20.94 1.91 5.76
N ILE D 41 -20.39 2.68 4.83
CA ILE D 41 -20.99 3.95 4.45
C ILE D 41 -22.38 3.77 3.89
N ASN D 42 -22.55 2.83 2.96
CA ASN D 42 -23.86 2.61 2.35
C ASN D 42 -24.87 2.11 3.38
N ASP D 43 -24.47 1.18 4.24
CA ASP D 43 -25.38 0.65 5.25
C ASP D 43 -25.80 1.72 6.26
N ASN D 44 -24.84 2.50 6.74
CA ASN D 44 -25.14 3.55 7.72
C ASN D 44 -26.03 4.64 7.13
N VAL D 45 -25.80 4.98 5.87
CA VAL D 45 -26.61 6.02 5.23
C VAL D 45 -28.05 5.53 5.09
N SER D 46 -28.22 4.24 4.80
CA SER D 46 -29.56 3.68 4.66
C SER D 46 -30.29 3.80 5.99
N THR D 47 -29.58 3.48 7.08
CA THR D 47 -30.16 3.56 8.42
C THR D 47 -30.57 5.00 8.72
N ILE D 48 -29.70 5.95 8.41
CA ILE D 48 -29.97 7.36 8.65
C ILE D 48 -31.21 7.81 7.88
N LEU D 49 -31.26 7.50 6.59
CA LEU D 49 -32.38 7.90 5.74
C LEU D 49 -33.71 7.32 6.22
N ALA D 50 -33.67 6.14 6.81
CA ALA D 50 -34.88 5.48 7.30
C ALA D 50 -35.30 5.99 8.68
N SER D 51 -34.36 6.61 9.40
CA SER D 51 -34.65 7.14 10.73
C SER D 51 -35.18 8.57 10.68
N ILE D 52 -34.96 9.23 9.55
CA ILE D 52 -35.42 10.60 9.40
C ILE D 52 -34.76 11.33 8.25
S SO4 E . 6.17 0.10 11.34
O1 SO4 E . 6.46 -1.30 10.98
O2 SO4 E . 6.49 0.32 12.77
O3 SO4 E . 4.73 0.38 11.12
O4 SO4 E . 6.98 1.00 10.50
S SO4 F . -10.53 19.16 -4.13
O1 SO4 F . -10.14 19.48 -5.51
O2 SO4 F . -9.33 19.16 -3.27
O3 SO4 F . -11.17 17.83 -4.10
O4 SO4 F . -11.49 20.17 -3.64
N1 BEQ G . -9.46 -1.17 -9.51
CB BEQ G . -9.23 -0.12 -8.44
CG BEQ G . -10.17 -0.57 -10.67
CD BEQ G . -10.25 -2.38 -8.98
CE BEQ G . -10.75 -2.53 -7.57
OE1 BEQ G . -12.10 -2.44 -7.46
OE2 BEQ G . -10.02 -2.72 -6.63
C1 BEQ G . -8.22 -1.88 -9.98
C2 BEQ G . -6.80 -1.60 -9.46
C3 BEQ G . -6.25 -0.45 -10.28
N2 BEQ G . -4.91 -0.14 -9.86
C4 BEQ G . -3.83 -0.74 -10.32
O BEQ G . -3.43 -1.80 -9.85
S SO4 H . -2.86 -12.36 0.75
O1 SO4 H . -2.22 -12.35 -0.58
O2 SO4 H . -3.40 -13.72 1.01
O3 SO4 H . -3.95 -11.39 0.78
O4 SO4 H . -1.87 -12.03 1.79
#